data_6D3J
#
_entry.id   6D3J
#
_cell.length_a   137.413
_cell.length_b   137.413
_cell.length_c   76.261
_cell.angle_alpha   90.00
_cell.angle_beta   90.00
_cell.angle_gamma   120.00
#
_symmetry.space_group_name_H-M   'P 62 2 2'
#
loop_
_entity.id
_entity.type
_entity.pdbx_description
1 polymer 'FT_T dioxygenase'
2 non-polymer 'COBALT (II) ION'
3 non-polymer '2-OXOGLUTARIC ACID'
4 water water
#
_entity_poly.entity_id   1
_entity_poly.type   'polypeptide(L)'
_entity_poly.pdbx_seq_one_letter_code
;MHAALTPLTNKYRFIDVQPLTGVLGAEITGVDLREPLDDSTWNEILDAFHTYQVIYFPGQAITNEQHIAFSRRFGPVDPV
PILKSIEGYPEVQMIRREANESSRFIGDDWHTDSTFLDAPPAAVVMRAIEVPEYGGDTGFLSMYSAWETLSPTMQATIEG
LNVVHSATKVFGSLYQATNWRFSNTSVKVMDVDAGDRETVHPLVVTHPVTGRRALYCNQVYCQKIQGMTDAESKSLLQFL
YEHATKFDFTCRVRWKKDQVLVWDNLCTMHRAVPDYAGKFRYLTRTTVAGDKPSR
;
_entity_poly.pdbx_strand_id   A
#
loop_
_chem_comp.id
_chem_comp.type
_chem_comp.name
_chem_comp.formula
AKG non-polymer '2-OXOGLUTARIC ACID' 'C5 H6 O5'
CO non-polymer 'COBALT (II) ION' 'Co 2'
#
# COMPACT_ATOMS: atom_id res chain seq x y z
N ASN A 10 10.20 -7.21 20.87
CA ASN A 10 8.88 -6.48 20.84
C ASN A 10 7.77 -7.12 21.67
N LYS A 11 6.70 -6.35 21.84
CA LYS A 11 5.53 -6.71 22.60
C LYS A 11 4.59 -7.64 21.78
N TYR A 12 5.10 -8.80 21.33
CA TYR A 12 4.32 -9.70 20.44
C TYR A 12 4.61 -11.19 20.75
N ARG A 13 3.62 -11.92 21.33
CA ARG A 13 3.86 -13.30 21.81
C ARG A 13 3.57 -14.40 20.81
N PHE A 14 2.75 -14.19 19.80
CA PHE A 14 2.44 -15.29 18.84
C PHE A 14 3.12 -15.16 17.47
N ILE A 15 3.72 -14.00 17.17
CA ILE A 15 4.46 -13.79 15.90
C ILE A 15 5.79 -13.09 16.11
N ASP A 16 6.83 -13.45 15.36
CA ASP A 16 8.15 -12.77 15.42
C ASP A 16 8.09 -11.68 14.35
N VAL A 17 8.68 -10.55 14.67
CA VAL A 17 8.37 -9.23 14.09
C VAL A 17 9.63 -8.36 13.98
N GLN A 18 10.16 -8.20 12.77
CA GLN A 18 11.49 -7.62 12.58
C GLN A 18 11.34 -6.37 11.68
N PRO A 19 11.08 -5.20 12.30
CA PRO A 19 10.88 -3.89 11.66
C PRO A 19 11.99 -3.47 10.74
N LEU A 20 11.60 -2.88 9.63
CA LEU A 20 12.46 -2.78 8.49
C LEU A 20 13.20 -1.48 8.61
N THR A 21 12.46 -0.43 8.90
CA THR A 21 13.02 0.87 9.26
C THR A 21 12.27 1.37 10.48
N GLY A 22 12.68 2.54 10.94
CA GLY A 22 12.04 3.20 12.05
C GLY A 22 10.85 4.05 11.68
N VAL A 23 10.35 3.93 10.44
CA VAL A 23 9.28 4.79 9.87
C VAL A 23 8.13 3.99 9.34
N LEU A 24 8.44 3.00 8.50
CA LEU A 24 7.44 1.99 8.12
C LEU A 24 8.09 0.67 7.87
N GLY A 25 7.23 -0.32 7.63
CA GLY A 25 7.59 -1.65 7.13
C GLY A 25 8.06 -2.60 8.18
N ALA A 26 7.73 -3.88 8.05
CA ALA A 26 8.19 -4.92 9.00
C ALA A 26 8.07 -6.32 8.44
N GLU A 27 8.80 -7.26 9.04
CA GLU A 27 8.87 -8.64 8.58
C GLU A 27 8.34 -9.58 9.64
N ILE A 28 7.53 -10.56 9.19
CA ILE A 28 6.84 -11.50 10.09
C ILE A 28 7.05 -13.01 9.79
N THR A 29 7.52 -13.66 10.83
CA THR A 29 7.87 -15.07 10.78
C THR A 29 7.23 -15.71 11.98
N GLY A 30 7.36 -17.04 12.05
CA GLY A 30 6.87 -17.79 13.20
C GLY A 30 5.38 -18.01 13.07
N VAL A 31 4.96 -18.27 11.83
CA VAL A 31 3.59 -18.50 11.52
C VAL A 31 3.45 -19.17 10.17
N ASP A 32 2.75 -20.33 10.18
CA ASP A 32 2.48 -21.07 8.99
C ASP A 32 1.19 -20.53 8.37
N LEU A 33 1.38 -19.79 7.26
CA LEU A 33 0.21 -19.18 6.64
C LEU A 33 -0.73 -20.17 6.00
N ARG A 34 -0.24 -21.35 5.63
CA ARG A 34 -1.09 -22.42 5.10
C ARG A 34 -2.12 -22.97 6.12
N GLU A 35 -1.90 -22.74 7.42
CA GLU A 35 -2.86 -23.16 8.43
C GLU A 35 -3.79 -22.04 8.82
N PRO A 36 -4.90 -22.38 9.46
CA PRO A 36 -5.73 -21.33 10.04
C PRO A 36 -5.06 -20.73 11.22
N LEU A 37 -5.35 -19.48 11.52
CA LEU A 37 -4.78 -18.82 12.72
C LEU A 37 -5.81 -18.29 13.69
N ASP A 38 -5.55 -18.45 14.98
CA ASP A 38 -6.55 -18.10 15.97
C ASP A 38 -6.61 -16.62 16.24
N ASP A 39 -7.72 -16.19 16.86
CA ASP A 39 -7.97 -14.77 17.18
C ASP A 39 -6.66 -14.10 17.65
N SER A 40 -5.99 -14.67 18.65
CA SER A 40 -4.89 -13.94 19.29
C SER A 40 -3.63 -13.84 18.39
N THR A 41 -3.39 -14.89 17.58
CA THR A 41 -2.43 -14.75 16.47
C THR A 41 -2.87 -13.78 15.39
N TRP A 42 -4.15 -13.78 15.04
CA TRP A 42 -4.61 -12.88 14.02
C TRP A 42 -4.65 -11.49 14.59
N ASN A 43 -5.14 -11.32 15.83
CA ASN A 43 -5.17 -9.99 16.48
C ASN A 43 -3.81 -9.34 16.45
N GLU A 44 -2.75 -10.15 16.61
CA GLU A 44 -1.37 -9.65 16.47
C GLU A 44 -1.01 -9.29 15.04
N ILE A 45 -1.21 -10.18 14.06
CA ILE A 45 -0.90 -9.83 12.65
C ILE A 45 -1.49 -8.49 12.20
N LEU A 46 -2.75 -8.26 12.52
CA LEU A 46 -3.45 -7.03 12.17
C LEU A 46 -3.02 -5.83 12.98
N ASP A 47 -2.75 -6.04 14.28
CA ASP A 47 -2.21 -4.97 15.13
C ASP A 47 -0.84 -4.52 14.55
N ALA A 48 -0.07 -5.45 14.00
CA ALA A 48 1.16 -5.09 13.30
C ALA A 48 0.98 -4.31 11.98
N PHE A 49 0.37 -4.90 10.97
CA PHE A 49 -0.10 -4.17 9.75
C PHE A 49 -0.60 -2.72 9.92
N HIS A 50 -1.26 -2.46 11.04
CA HIS A 50 -1.75 -1.12 11.32
C HIS A 50 -0.68 -0.18 11.80
N THR A 51 0.29 -0.68 12.61
CA THR A 51 1.50 0.07 13.07
C THR A 51 2.61 0.20 11.98
N TYR A 52 2.98 -0.88 11.34
CA TYR A 52 4.00 -0.81 10.31
C TYR A 52 3.54 -0.40 8.90
N GLN A 53 2.26 -0.51 8.55
CA GLN A 53 1.71 -0.03 7.27
C GLN A 53 1.98 -0.96 6.09
N VAL A 54 3.12 -1.62 6.15
CA VAL A 54 3.39 -2.68 5.21
C VAL A 54 4.15 -3.83 5.86
N ILE A 55 3.65 -5.07 5.64
CA ILE A 55 4.15 -6.27 6.24
C ILE A 55 4.36 -7.38 5.23
N TYR A 56 5.37 -8.23 5.49
CA TYR A 56 5.72 -9.36 4.64
C TYR A 56 6.16 -10.57 5.47
N PHE A 57 5.97 -11.71 4.83
CA PHE A 57 5.97 -13.03 5.44
C PHE A 57 6.83 -13.85 4.51
N PRO A 58 8.03 -14.18 4.92
CA PRO A 58 8.84 -14.82 3.89
C PRO A 58 8.60 -16.33 3.93
N GLY A 59 8.78 -16.99 2.78
CA GLY A 59 8.74 -18.45 2.67
C GLY A 59 7.45 -19.12 3.09
N GLN A 60 6.35 -18.54 2.60
CA GLN A 60 4.99 -19.01 2.72
C GLN A 60 4.54 -19.58 1.38
N ALA A 61 4.70 -20.90 1.26
CA ALA A 61 4.32 -21.62 0.06
C ALA A 61 2.78 -22.03 0.07
N ILE A 62 1.94 -20.99 0.04
CA ILE A 62 0.48 -21.12 0.03
C ILE A 62 -0.11 -21.29 -1.37
N THR A 63 -1.40 -21.51 -1.43
CA THR A 63 -2.09 -21.77 -2.67
C THR A 63 -2.98 -20.59 -2.93
N ASN A 64 -3.41 -20.45 -4.14
CA ASN A 64 -4.31 -19.33 -4.42
C ASN A 64 -5.59 -19.29 -3.60
N GLU A 65 -6.24 -20.44 -3.38
CA GLU A 65 -7.37 -20.48 -2.42
C GLU A 65 -6.88 -19.97 -1.07
N GLN A 66 -5.71 -20.39 -0.64
CA GLN A 66 -5.22 -19.96 0.67
C GLN A 66 -4.88 -18.49 0.64
N HIS A 67 -4.47 -18.01 -0.53
CA HIS A 67 -4.20 -16.60 -0.75
C HIS A 67 -5.51 -15.81 -0.59
N ILE A 68 -6.61 -16.30 -1.15
CA ILE A 68 -7.89 -15.61 -1.01
C ILE A 68 -8.39 -15.50 0.41
N ALA A 69 -8.55 -16.65 1.06
CA ALA A 69 -8.96 -16.73 2.47
C ALA A 69 -8.19 -15.76 3.33
N PHE A 70 -6.87 -15.83 3.20
CA PHE A 70 -6.02 -14.90 3.90
C PHE A 70 -6.39 -13.46 3.65
N SER A 71 -6.41 -13.03 2.40
CA SER A 71 -6.88 -11.68 2.10
C SER A 71 -8.25 -11.41 2.75
N ARG A 72 -9.18 -12.35 2.62
CA ARG A 72 -10.51 -12.04 3.12
C ARG A 72 -10.48 -11.66 4.60
N ARG A 73 -9.64 -12.30 5.40
CA ARG A 73 -9.48 -11.92 6.79
C ARG A 73 -9.36 -10.38 6.98
N PHE A 74 -8.76 -9.69 6.00
CA PHE A 74 -8.59 -8.22 6.02
C PHE A 74 -9.78 -7.44 5.60
N GLY A 75 -10.52 -7.96 4.65
CA GLY A 75 -11.72 -7.28 4.14
C GLY A 75 -12.12 -7.90 2.83
N PRO A 76 -13.29 -7.53 2.32
CA PRO A 76 -13.85 -8.15 1.14
C PRO A 76 -12.88 -8.08 -0.01
N VAL A 77 -12.98 -9.01 -0.93
CA VAL A 77 -11.96 -9.26 -1.89
C VAL A 77 -12.59 -8.96 -3.22
N ASP A 78 -12.23 -7.81 -3.75
CA ASP A 78 -12.66 -7.45 -5.05
C ASP A 78 -11.65 -7.91 -6.11
N PRO A 79 -12.17 -8.15 -7.33
CA PRO A 79 -11.29 -7.99 -8.48
C PRO A 79 -11.15 -6.51 -8.87
N VAL A 80 -9.95 -6.04 -9.21
CA VAL A 80 -9.84 -4.81 -10.05
C VAL A 80 -10.23 -5.14 -11.54
N PRO A 81 -11.27 -4.44 -12.12
CA PRO A 81 -11.30 -4.62 -13.61
C PRO A 81 -9.99 -4.02 -14.26
N ILE A 82 -9.54 -4.62 -15.38
CA ILE A 82 -8.11 -4.67 -15.94
C ILE A 82 -7.22 -5.78 -15.28
N LEU A 83 -5.92 -5.68 -15.38
CA LEU A 83 -4.95 -6.56 -14.66
C LEU A 83 -4.77 -8.04 -15.07
N LYS A 84 -5.82 -8.72 -15.55
CA LYS A 84 -5.77 -10.17 -15.87
C LYS A 84 -5.69 -10.97 -14.59
N SER A 85 -6.78 -11.65 -14.33
CA SER A 85 -6.86 -12.56 -13.25
C SER A 85 -6.47 -13.88 -13.86
N ILE A 86 -5.69 -14.65 -13.09
CA ILE A 86 -5.50 -16.08 -13.32
C ILE A 86 -6.85 -16.65 -13.68
N GLU A 87 -6.99 -17.28 -14.85
CA GLU A 87 -8.30 -17.91 -15.20
C GLU A 87 -8.45 -19.15 -14.27
N GLY A 88 -9.68 -19.29 -13.75
CA GLY A 88 -9.97 -20.03 -12.49
C GLY A 88 -10.16 -19.22 -11.18
N TYR A 89 -9.46 -18.08 -11.05
CA TYR A 89 -9.53 -17.22 -9.83
C TYR A 89 -9.65 -15.75 -10.23
N PRO A 90 -10.86 -15.24 -10.54
CA PRO A 90 -10.92 -13.85 -10.97
C PRO A 90 -10.68 -12.81 -9.89
N GLU A 91 -10.29 -13.20 -8.68
CA GLU A 91 -10.05 -12.28 -7.55
C GLU A 91 -8.51 -12.12 -7.34
N VAL A 92 -7.80 -13.15 -7.85
CA VAL A 92 -6.38 -13.30 -7.87
C VAL A 92 -5.79 -12.91 -9.24
N GLN A 93 -5.07 -11.78 -9.26
CA GLN A 93 -4.58 -11.18 -10.48
C GLN A 93 -3.08 -11.13 -10.49
N MET A 94 -2.53 -11.11 -11.69
CA MET A 94 -1.10 -11.32 -11.85
C MET A 94 -0.33 -10.13 -12.33
N ILE A 95 0.97 -10.21 -12.15
CA ILE A 95 1.90 -9.12 -12.46
C ILE A 95 3.23 -9.72 -13.07
N ARG A 96 3.59 -9.35 -14.31
CA ARG A 96 4.89 -9.70 -14.96
C ARG A 96 5.36 -8.74 -16.08
N ILE A 106 2.05 1.47 -16.09
CA ILE A 106 3.25 2.19 -15.64
C ILE A 106 3.07 2.86 -14.22
N GLY A 107 3.78 2.25 -13.27
CA GLY A 107 3.86 2.68 -11.86
C GLY A 107 5.28 2.51 -11.33
N ASP A 108 6.20 3.11 -12.10
CA ASP A 108 7.55 3.46 -11.65
C ASP A 108 7.55 4.96 -11.16
N ASP A 109 6.43 5.62 -11.17
CA ASP A 109 6.26 6.81 -10.39
C ASP A 109 5.56 6.38 -9.13
N TRP A 110 5.82 7.07 -8.04
CA TRP A 110 5.25 6.75 -6.78
C TRP A 110 3.80 7.07 -6.87
N HIS A 111 2.98 6.22 -6.29
CA HIS A 111 1.55 6.37 -6.28
C HIS A 111 0.91 5.42 -5.24
N THR A 112 -0.39 5.48 -5.12
CA THR A 112 -1.13 4.42 -4.46
C THR A 112 -2.22 3.99 -5.42
N ASP A 113 -2.88 2.89 -5.14
CA ASP A 113 -3.54 2.20 -6.20
C ASP A 113 -4.98 2.59 -6.37
N SER A 114 -5.33 2.76 -7.66
CA SER A 114 -6.68 3.00 -8.13
C SER A 114 -7.41 4.13 -7.38
N THR A 115 -6.71 5.22 -7.07
CA THR A 115 -7.32 6.32 -6.32
C THR A 115 -8.37 7.13 -7.11
N PHE A 116 -8.46 6.90 -8.43
CA PHE A 116 -9.55 7.46 -9.24
C PHE A 116 -10.91 6.91 -8.95
N LEU A 117 -11.00 5.89 -8.10
CA LEU A 117 -12.27 5.35 -7.60
C LEU A 117 -12.92 6.10 -6.47
N ASP A 118 -14.21 6.42 -6.59
CA ASP A 118 -15.00 6.87 -5.43
C ASP A 118 -14.49 6.08 -4.17
N ALA A 119 -14.34 4.74 -4.26
CA ALA A 119 -13.79 3.97 -3.11
C ALA A 119 -12.56 3.04 -3.37
N PRO A 120 -11.35 3.60 -3.22
CA PRO A 120 -10.24 2.79 -3.64
C PRO A 120 -9.96 1.67 -2.61
N PRO A 121 -9.18 0.66 -3.04
CA PRO A 121 -8.73 -0.45 -2.20
C PRO A 121 -8.19 -0.04 -0.86
N ALA A 122 -8.64 -0.68 0.21
CA ALA A 122 -8.01 -0.46 1.50
C ALA A 122 -6.56 -0.95 1.51
N ALA A 123 -6.32 -2.09 0.87
CA ALA A 123 -5.05 -2.83 1.02
C ALA A 123 -4.85 -3.71 -0.18
N VAL A 124 -3.64 -4.22 -0.34
CA VAL A 124 -3.47 -5.29 -1.33
C VAL A 124 -2.58 -6.39 -0.73
N VAL A 125 -2.86 -7.66 -1.09
CA VAL A 125 -1.96 -8.74 -0.68
C VAL A 125 -1.33 -9.38 -1.89
N MET A 126 0.01 -9.34 -1.85
CA MET A 126 0.85 -9.69 -2.93
C MET A 126 1.69 -10.86 -2.52
N ARG A 127 2.03 -11.68 -3.51
CA ARG A 127 2.57 -13.00 -3.27
C ARG A 127 3.56 -13.35 -4.37
N ALA A 128 4.76 -13.72 -3.93
CA ALA A 128 5.88 -13.96 -4.85
C ALA A 128 5.84 -15.38 -5.38
N ILE A 129 5.69 -15.55 -6.69
CA ILE A 129 5.75 -16.87 -7.35
C ILE A 129 7.23 -17.13 -7.78
N GLU A 130 7.67 -16.59 -8.91
CA GLU A 130 9.08 -16.68 -9.44
C GLU A 130 9.68 -15.25 -9.48
N VAL A 131 10.63 -14.96 -8.60
CA VAL A 131 11.33 -13.66 -8.56
C VAL A 131 12.79 -13.81 -9.03
N PRO A 132 13.50 -12.66 -9.28
CA PRO A 132 14.95 -12.75 -9.54
C PRO A 132 15.74 -12.94 -8.25
N GLU A 133 17.00 -13.36 -8.35
CA GLU A 133 17.89 -13.43 -7.14
C GLU A 133 18.03 -12.07 -6.39
N TYR A 134 18.21 -11.00 -7.16
CA TYR A 134 18.23 -9.59 -6.69
C TYR A 134 17.66 -8.66 -7.75
N GLY A 135 17.39 -7.42 -7.33
CA GLY A 135 16.72 -6.47 -8.18
C GLY A 135 15.25 -6.83 -8.37
N GLY A 136 14.45 -5.81 -8.64
CA GLY A 136 13.02 -5.96 -8.61
C GLY A 136 12.73 -5.97 -7.15
N ASP A 137 12.99 -4.82 -6.57
CA ASP A 137 12.63 -4.54 -5.23
C ASP A 137 11.36 -3.79 -5.45
N THR A 138 10.63 -3.56 -4.37
CA THR A 138 9.48 -2.66 -4.38
C THR A 138 9.75 -1.68 -3.24
N GLY A 139 9.58 -0.39 -3.48
CA GLY A 139 9.79 0.60 -2.45
C GLY A 139 8.47 1.19 -2.02
N PHE A 140 8.29 1.45 -0.73
CA PHE A 140 7.05 1.99 -0.18
C PHE A 140 7.40 3.25 0.52
N LEU A 141 6.41 4.08 0.84
CA LEU A 141 6.64 5.19 1.78
C LEU A 141 5.44 5.50 2.58
N SER A 142 5.64 6.22 3.69
CA SER A 142 4.58 6.47 4.61
C SER A 142 3.98 7.81 4.42
N MET A 143 2.69 7.85 4.16
CA MET A 143 2.00 9.11 4.06
C MET A 143 1.45 9.59 5.38
N TYR A 144 1.45 8.75 6.44
CA TYR A 144 1.31 9.28 7.79
C TYR A 144 2.49 10.22 7.97
N SER A 145 3.70 9.69 7.80
CA SER A 145 4.91 10.47 8.07
C SER A 145 4.99 11.79 7.28
N ALA A 146 4.51 11.75 6.04
CA ALA A 146 4.56 12.89 5.17
C ALA A 146 3.71 13.96 5.78
N TRP A 147 2.49 13.63 6.09
CA TRP A 147 1.66 14.58 6.80
C TRP A 147 2.28 15.07 8.11
N GLU A 148 2.72 14.10 8.86
CA GLU A 148 3.20 14.30 10.18
C GLU A 148 4.37 15.28 10.23
N THR A 149 5.20 15.34 9.20
CA THR A 149 6.34 16.26 9.17
C THR A 149 6.04 17.64 8.61
N LEU A 150 4.79 17.89 8.21
CA LEU A 150 4.45 19.24 7.83
C LEU A 150 4.30 20.06 9.09
N SER A 151 4.73 21.32 9.01
CA SER A 151 4.56 22.24 10.10
C SER A 151 3.07 22.28 10.44
N PRO A 152 2.74 22.40 11.77
CA PRO A 152 1.37 22.70 12.23
C PRO A 152 0.67 23.81 11.37
N THR A 153 1.35 24.90 11.09
CA THR A 153 0.82 25.94 10.24
C THR A 153 0.46 25.43 8.84
N MET A 154 1.35 24.67 8.21
CA MET A 154 1.02 24.11 6.86
C MET A 154 -0.09 23.04 6.94
N GLN A 155 -0.09 22.19 7.94
CA GLN A 155 -1.18 21.24 8.12
C GLN A 155 -2.51 21.98 8.04
N ALA A 156 -2.60 23.04 8.83
CA ALA A 156 -3.83 23.87 8.89
C ALA A 156 -4.23 24.52 7.54
N THR A 157 -3.24 24.85 6.77
CA THR A 157 -3.39 25.60 5.54
C THR A 157 -4.03 24.77 4.49
N ILE A 158 -3.75 23.47 4.46
CA ILE A 158 -4.31 22.53 3.46
C ILE A 158 -5.28 21.46 4.00
N GLU A 159 -5.60 21.52 5.28
CA GLU A 159 -6.50 20.61 6.02
C GLU A 159 -7.74 20.39 5.20
N GLY A 160 -8.35 21.48 4.80
CA GLY A 160 -9.64 21.44 4.15
C GLY A 160 -9.69 21.43 2.63
N LEU A 161 -8.56 21.27 1.95
CA LEU A 161 -8.53 21.13 0.48
C LEU A 161 -8.95 19.77 -0.15
N ASN A 162 -9.43 19.82 -1.39
CA ASN A 162 -9.72 18.56 -2.13
C ASN A 162 -9.00 18.43 -3.44
N VAL A 163 -8.81 17.19 -3.87
CA VAL A 163 -8.04 16.87 -5.05
C VAL A 163 -8.92 16.11 -6.02
N VAL A 164 -8.74 16.37 -7.30
CA VAL A 164 -9.50 15.64 -8.29
C VAL A 164 -8.63 14.53 -8.85
N HIS A 165 -9.01 13.27 -8.66
CA HIS A 165 -8.23 12.09 -9.18
C HIS A 165 -8.89 11.55 -10.41
N SER A 166 -8.15 11.05 -11.42
CA SER A 166 -8.74 10.57 -12.70
C SER A 166 -7.95 9.45 -13.40
N ALA A 167 -8.47 8.92 -14.51
CA ALA A 167 -7.64 8.10 -15.45
C ALA A 167 -7.96 8.44 -16.88
N GLU A 198 -12.63 9.31 -12.84
CA GLU A 198 -12.97 10.67 -12.30
C GLU A 198 -13.62 10.66 -10.88
N THR A 199 -13.08 11.45 -9.96
CA THR A 199 -13.60 11.57 -8.59
C THR A 199 -12.85 12.66 -7.79
N VAL A 200 -13.35 12.96 -6.61
CA VAL A 200 -12.73 13.89 -5.71
C VAL A 200 -12.42 13.19 -4.42
N HIS A 201 -11.24 13.43 -3.87
CA HIS A 201 -10.97 12.98 -2.52
C HIS A 201 -10.31 14.10 -1.77
N PRO A 202 -10.30 14.01 -0.44
CA PRO A 202 -9.64 15.04 0.37
C PRO A 202 -8.15 14.94 0.25
N LEU A 203 -7.46 16.02 0.61
CA LEU A 203 -6.01 16.07 0.42
C LEU A 203 -5.36 15.45 1.63
N VAL A 204 -6.05 15.52 2.78
CA VAL A 204 -5.68 14.86 4.02
C VAL A 204 -6.83 13.98 4.55
N VAL A 205 -6.59 12.69 4.67
CA VAL A 205 -7.60 11.72 4.97
C VAL A 205 -7.31 11.15 6.39
N THR A 206 -8.38 10.76 7.09
CA THR A 206 -8.25 10.10 8.37
C THR A 206 -8.43 8.62 8.09
N HIS A 207 -7.60 7.79 8.71
CA HIS A 207 -7.62 6.35 8.49
C HIS A 207 -8.88 5.81 9.17
N PRO A 208 -9.67 4.95 8.51
CA PRO A 208 -10.92 4.52 9.11
C PRO A 208 -10.72 3.67 10.33
N VAL A 209 -9.69 2.85 10.35
CA VAL A 209 -9.43 2.00 11.51
C VAL A 209 -8.59 2.72 12.54
N THR A 210 -7.54 3.39 12.15
CA THR A 210 -6.63 3.85 13.19
C THR A 210 -6.84 5.33 13.61
N GLY A 211 -7.43 6.15 12.76
CA GLY A 211 -7.62 7.55 13.08
C GLY A 211 -6.41 8.45 13.01
N ARG A 212 -5.34 8.01 12.34
CA ARG A 212 -4.23 8.88 12.04
C ARG A 212 -4.48 9.55 10.72
N ARG A 213 -4.10 10.79 10.69
CA ARG A 213 -4.22 11.59 9.53
C ARG A 213 -3.08 11.21 8.63
N ALA A 214 -3.35 11.25 7.34
CA ALA A 214 -2.37 10.84 6.30
C ALA A 214 -2.55 11.73 5.10
N LEU A 215 -1.47 12.21 4.54
CA LEU A 215 -1.55 13.02 3.38
C LEU A 215 -1.95 12.08 2.24
N TYR A 216 -2.77 12.58 1.32
CA TYR A 216 -3.37 11.73 0.31
C TYR A 216 -3.41 12.43 -1.01
N CYS A 217 -2.32 12.29 -1.74
CA CYS A 217 -2.23 12.74 -3.13
C CYS A 217 -1.07 12.05 -3.88
N ASN A 218 -1.19 11.94 -5.20
CA ASN A 218 -0.27 11.09 -5.94
C ASN A 218 -0.25 11.54 -7.35
N GLN A 219 0.92 11.47 -7.99
CA GLN A 219 1.09 12.23 -9.20
C GLN A 219 0.62 11.50 -10.42
N VAL A 220 0.38 10.21 -10.27
CA VAL A 220 -0.13 9.41 -11.35
C VAL A 220 -1.61 9.69 -11.56
N TYR A 221 -2.39 9.87 -10.49
CA TYR A 221 -3.82 10.00 -10.71
C TYR A 221 -4.40 11.39 -10.40
N CYS A 222 -3.66 12.31 -9.78
CA CYS A 222 -4.28 13.54 -9.32
C CYS A 222 -4.20 14.64 -10.33
N GLN A 223 -5.31 15.11 -10.90
CA GLN A 223 -5.32 16.20 -11.87
C GLN A 223 -4.94 17.49 -11.19
N LYS A 224 -5.77 17.93 -10.28
CA LYS A 224 -5.60 19.23 -9.67
C LYS A 224 -6.36 19.35 -8.41
N ILE A 225 -6.10 20.43 -7.73
CA ILE A 225 -6.76 20.75 -6.50
C ILE A 225 -7.97 21.47 -6.95
N GLN A 226 -9.10 20.95 -6.53
CA GLN A 226 -10.38 21.57 -6.80
C GLN A 226 -10.49 23.05 -6.38
N GLY A 227 -10.89 23.86 -7.32
CA GLY A 227 -11.18 25.21 -7.06
C GLY A 227 -10.03 26.10 -7.38
N MET A 228 -8.84 25.52 -7.58
CA MET A 228 -7.63 26.29 -7.87
C MET A 228 -7.38 26.28 -9.34
N THR A 229 -6.59 27.23 -9.77
CA THR A 229 -6.18 27.29 -11.13
C THR A 229 -5.11 26.29 -11.24
N ASP A 230 -4.69 25.96 -12.44
CA ASP A 230 -3.62 24.96 -12.59
C ASP A 230 -2.28 25.52 -12.14
N ALA A 231 -1.93 26.78 -12.44
CA ALA A 231 -0.67 27.27 -11.95
C ALA A 231 -0.59 27.10 -10.39
N GLU A 232 -1.71 27.40 -9.72
CA GLU A 232 -1.80 27.27 -8.29
C GLU A 232 -1.68 25.83 -7.93
N SER A 233 -2.56 25.00 -8.50
CA SER A 233 -2.62 23.59 -8.07
C SER A 233 -1.26 22.92 -8.23
N LYS A 234 -0.62 23.19 -9.36
CA LYS A 234 0.68 22.61 -9.68
C LYS A 234 1.70 22.91 -8.66
N SER A 235 1.71 24.18 -8.27
CA SER A 235 2.63 24.69 -7.31
C SER A 235 2.64 23.89 -6.01
N LEU A 236 1.47 23.66 -5.45
CA LEU A 236 1.34 22.97 -4.18
C LEU A 236 1.69 21.52 -4.34
N LEU A 237 0.94 20.85 -5.19
CA LEU A 237 1.10 19.45 -5.32
C LEU A 237 2.60 19.09 -5.52
N GLN A 238 3.32 19.87 -6.34
CA GLN A 238 4.73 19.59 -6.58
C GLN A 238 5.53 19.67 -5.31
N PHE A 239 5.17 20.61 -4.48
CA PHE A 239 5.84 20.71 -3.22
C PHE A 239 5.56 19.50 -2.37
N LEU A 240 4.27 19.19 -2.28
CA LEU A 240 3.78 18.08 -1.50
C LEU A 240 4.37 16.75 -2.00
N TYR A 241 4.61 16.61 -3.31
CA TYR A 241 5.17 15.37 -3.80
C TYR A 241 6.64 15.37 -3.52
N GLU A 242 7.35 16.51 -3.74
CA GLU A 242 8.83 16.58 -3.54
C GLU A 242 9.05 16.36 -2.04
N HIS A 243 8.12 16.79 -1.21
CA HIS A 243 8.17 16.53 0.21
C HIS A 243 7.87 15.11 0.60
N ALA A 244 6.79 14.53 0.16
CA ALA A 244 6.57 13.11 0.53
C ALA A 244 7.62 12.01 0.01
N THR A 245 8.27 12.24 -1.13
CA THR A 245 9.14 11.25 -1.70
C THR A 245 10.58 11.36 -1.16
N LYS A 246 10.75 12.08 -0.08
CA LYS A 246 11.99 12.08 0.61
C LYS A 246 12.35 10.67 1.02
N PHE A 247 13.65 10.40 1.04
CA PHE A 247 14.25 9.10 1.37
C PHE A 247 14.01 8.70 2.82
N ASP A 248 13.92 9.68 3.72
CA ASP A 248 13.70 9.40 5.13
C ASP A 248 12.38 8.71 5.34
N PHE A 249 11.40 9.01 4.49
CA PHE A 249 10.08 8.42 4.66
C PHE A 249 9.95 7.04 3.99
N THR A 250 11.00 6.52 3.37
CA THR A 250 10.82 5.34 2.54
C THR A 250 11.33 4.05 3.19
N CYS A 251 10.97 2.97 2.52
CA CYS A 251 11.63 1.70 2.73
C CYS A 251 11.65 0.89 1.42
N ARG A 252 12.41 -0.19 1.45
CA ARG A 252 12.67 -0.99 0.30
C ARG A 252 12.51 -2.47 0.61
N VAL A 253 11.62 -3.12 -0.14
CA VAL A 253 11.35 -4.51 0.03
C VAL A 253 12.06 -5.36 -0.98
N ARG A 254 12.88 -6.22 -0.41
CA ARG A 254 13.63 -7.27 -1.02
C ARG A 254 12.64 -8.42 -1.32
N TRP A 255 12.59 -8.91 -2.55
CA TRP A 255 11.62 -9.98 -2.96
C TRP A 255 12.15 -11.38 -3.06
N LYS A 256 11.62 -12.28 -2.25
CA LYS A 256 12.11 -13.65 -2.24
C LYS A 256 10.91 -14.58 -2.31
N LYS A 257 10.99 -15.58 -3.19
CA LYS A 257 10.00 -16.70 -3.41
C LYS A 257 9.07 -17.07 -2.28
N ASP A 258 7.78 -17.16 -2.59
CA ASP A 258 6.74 -17.43 -1.61
C ASP A 258 6.75 -16.48 -0.43
N GLN A 259 7.09 -15.23 -0.66
CA GLN A 259 6.92 -14.20 0.31
C GLN A 259 5.61 -13.57 0.01
N VAL A 260 4.93 -13.19 1.05
CA VAL A 260 3.57 -12.77 0.92
C VAL A 260 3.55 -11.45 1.63
N LEU A 261 3.21 -10.38 0.92
CA LEU A 261 3.19 -9.03 1.51
C LEU A 261 1.86 -8.25 1.43
N VAL A 262 1.63 -7.49 2.48
CA VAL A 262 0.45 -6.69 2.58
C VAL A 262 0.80 -5.24 2.87
N TRP A 263 0.25 -4.35 2.05
CA TRP A 263 0.40 -2.95 2.20
C TRP A 263 -0.95 -2.23 2.31
N ASP A 264 -0.93 -1.11 3.02
CA ASP A 264 -2.11 -0.32 3.29
C ASP A 264 -2.23 0.74 2.22
N ASN A 265 -3.21 0.58 1.36
CA ASN A 265 -3.33 1.41 0.16
C ASN A 265 -3.83 2.81 0.42
N LEU A 266 -4.16 3.15 1.66
CA LEU A 266 -4.64 4.50 1.97
C LEU A 266 -3.59 5.40 2.45
N CYS A 267 -2.65 4.87 3.24
CA CYS A 267 -1.68 5.66 3.94
C CYS A 267 -0.20 5.40 3.55
N THR A 268 0.02 4.68 2.45
CA THR A 268 1.36 4.54 1.84
C THR A 268 1.31 4.98 0.40
N MET A 269 2.47 5.16 -0.19
CA MET A 269 2.61 5.03 -1.62
C MET A 269 3.69 3.99 -1.93
N HIS A 270 3.82 3.62 -3.20
CA HIS A 270 4.73 2.56 -3.53
C HIS A 270 5.15 2.69 -4.95
N ARG A 271 6.26 2.09 -5.31
CA ARG A 271 6.75 2.19 -6.68
C ARG A 271 7.61 1.04 -7.08
N ALA A 272 7.45 0.60 -8.32
CA ALA A 272 8.23 -0.49 -8.90
C ALA A 272 9.67 -0.02 -9.24
N VAL A 273 10.71 -0.83 -8.98
CA VAL A 273 12.05 -0.48 -9.44
C VAL A 273 12.42 -1.23 -10.73
N PRO A 274 12.72 -0.53 -11.83
CA PRO A 274 13.12 -1.16 -13.11
C PRO A 274 14.63 -1.59 -13.26
N ASP A 275 15.10 -2.48 -12.39
CA ASP A 275 16.53 -2.89 -12.37
C ASP A 275 16.69 -4.38 -12.58
N TYR A 276 15.68 -4.99 -13.19
CA TYR A 276 15.64 -6.46 -13.45
C TYR A 276 15.62 -6.88 -14.95
N ALA A 277 15.58 -5.90 -15.86
CA ALA A 277 15.52 -6.12 -17.31
C ALA A 277 16.34 -7.30 -17.69
N GLY A 278 15.63 -8.35 -18.10
CA GLY A 278 16.21 -9.59 -18.55
C GLY A 278 15.76 -10.75 -17.68
N LYS A 279 15.36 -10.48 -16.44
CA LYS A 279 15.10 -11.54 -15.45
C LYS A 279 13.58 -11.62 -15.19
N PHE A 280 13.08 -12.86 -15.06
CA PHE A 280 11.64 -13.13 -14.90
C PHE A 280 11.16 -12.77 -13.47
N ARG A 281 10.08 -11.98 -13.44
CA ARG A 281 9.43 -11.58 -12.21
C ARG A 281 7.95 -11.92 -12.35
N TYR A 282 7.47 -12.89 -11.54
CA TYR A 282 6.06 -13.30 -11.53
C TYR A 282 5.39 -13.35 -10.13
N LEU A 283 4.61 -12.32 -9.80
CA LEU A 283 3.88 -12.25 -8.53
C LEU A 283 2.40 -12.21 -8.81
N THR A 284 1.59 -12.54 -7.79
CA THR A 284 0.13 -12.50 -7.90
C THR A 284 -0.39 -11.55 -6.86
N ARG A 285 -1.54 -10.94 -7.11
CA ARG A 285 -2.20 -10.26 -6.01
C ARG A 285 -3.78 -10.13 -5.93
N THR A 286 -4.29 -10.34 -4.73
CA THR A 286 -5.68 -10.06 -4.45
C THR A 286 -5.78 -8.66 -3.92
N THR A 287 -6.96 -8.08 -4.07
CA THR A 287 -7.22 -6.67 -3.74
C THR A 287 -8.38 -6.54 -2.72
N VAL A 288 -8.13 -5.93 -1.58
CA VAL A 288 -9.15 -5.80 -0.54
C VAL A 288 -9.74 -4.41 -0.46
N ALA A 289 -11.06 -4.37 -0.32
CA ALA A 289 -11.82 -3.17 -0.56
C ALA A 289 -11.94 -2.33 0.67
N GLY A 290 -12.11 -1.05 0.42
CA GLY A 290 -12.10 -0.05 1.50
C GLY A 290 -13.24 0.91 1.30
N ASP A 291 -13.59 1.67 2.32
CA ASP A 291 -14.62 2.64 2.13
C ASP A 291 -14.00 3.81 1.39
N LYS A 292 -14.87 4.73 1.01
CA LYS A 292 -14.49 5.99 0.48
C LYS A 292 -13.62 6.74 1.46
N PRO A 293 -12.48 7.27 0.99
CA PRO A 293 -11.63 7.95 1.92
C PRO A 293 -12.24 9.24 2.30
N SER A 294 -12.01 9.64 3.56
CA SER A 294 -12.61 10.79 4.19
C SER A 294 -11.78 11.48 5.27
N ARG A 295 -12.18 12.68 5.69
CA ARG A 295 -11.29 13.59 6.48
C ARG A 295 -11.60 13.74 8.01
CO CO B . 0.66 0.34 -7.79
C1 AKG C . 1.17 -1.81 -8.08
O1 AKG C . 0.63 -2.78 -8.66
O2 AKG C . 0.52 -1.17 -7.23
C2 AKG C . 2.52 -1.28 -8.40
O5 AKG C . 2.53 -0.25 -9.07
C3 AKG C . 3.87 -1.84 -7.99
C4 AKG C . 3.95 -3.22 -7.34
C5 AKG C . 4.99 -3.96 -8.16
O3 AKG C . 4.61 -4.41 -9.27
O4 AKG C . 6.18 -4.05 -7.77
CO CO D . 8.17 -17.10 18.50
CO CO E . -3.91 -27.91 7.93
CO CO F . -5.09 -26.75 -5.79
CO CO G . -15.96 -10.84 -1.08
CO CO H . -17.72 9.09 -9.76
CO CO I . -7.59 23.40 -16.99
CO CO J . 10.01 13.62 -7.22
CO CO K . 14.99 -13.07 7.54
CO CO L . 7.66 6.81 -15.56
CO CO M . 13.50 14.33 -5.81
CO CO N . 11.17 17.64 -9.08
#